data_9E5K
#
_entry.id   9E5K
#
_cell.length_a   41.091
_cell.length_b   78.659
_cell.length_c   80.217
_cell.angle_alpha   89.99
_cell.angle_beta   90.03
_cell.angle_gamma   90.03
#
_symmetry.space_group_name_H-M   'P 1'
#
loop_
_entity.id
_entity.type
_entity.pdbx_description
1 polymer 'RNA (76-MER)'
2 non-polymer ethynyl-3-methylbenzene-cobalamin
3 non-polymer N-methylpropane-1,3-diamine
4 non-polymer 2-AMINO-2-HYDROXYMETHYL-PROPANE-1,3-DIOL
5 non-polymer 'MAGNESIUM ION'
6 non-polymer 'POTASSIUM ION'
7 water water
#
_entity_poly.entity_id   1
_entity_poly.type   'polyribonucleotide'
_entity_poly.pdbx_seq_one_letter_code
;(GTP)GUAAAAGCAUAGUGGGAAAGUGACGUGAAAUUCGUCCACACGAAAGUAAGGUCAUAGUCCGAAUGCCACCUACCA
;
_entity_poly.pdbx_strand_id   A,B,C,D
#
loop_
_chem_comp.id
_chem_comp.type
_chem_comp.name
_chem_comp.formula
A RNA linking ADENOSINE-5'-MONOPHOSPHATE 'C10 H14 N5 O7 P'
A1BER non-polymer ethynyl-3-methylbenzene-cobalamin 'C71 H96 Co N13 O14 P 2'
C RNA linking CYTIDINE-5'-MONOPHOSPHATE 'C9 H14 N3 O8 P'
G RNA linking GUANOSINE-5'-MONOPHOSPHATE 'C10 H14 N5 O8 P'
GTP non-polymer GUANOSINE-5'-TRIPHOSPHATE 'C10 H16 N5 O14 P3'
K non-polymer 'POTASSIUM ION' 'K 1'
MG non-polymer 'MAGNESIUM ION' 'Mg 2'
N3D non-polymer N-methylpropane-1,3-diamine 'C4 H12 N2'
TRS non-polymer 2-AMINO-2-HYDROXYMETHYL-PROPANE-1,3-DIOL 'C4 H12 N O3 1'
U RNA linking URIDINE-5'-MONOPHOSPHATE 'C9 H13 N2 O9 P'
#
# COMPACT_ATOMS: atom_id res chain seq x y z
PG GTP A 1 -37.52 1.57 3.26
O1G GTP A 1 -37.03 0.18 3.02
O2G GTP A 1 -36.84 2.68 2.53
O3G GTP A 1 -39.11 1.59 2.93
O3B GTP A 1 -37.43 1.91 4.82
PB GTP A 1 -38.17 3.22 5.38
O1B GTP A 1 -37.22 4.02 6.18
O2B GTP A 1 -39.49 2.82 5.99
O3A GTP A 1 -38.46 3.97 4.01
PA GTP A 1 -38.78 5.51 4.02
O1A GTP A 1 -38.22 6.09 5.26
O2A GTP A 1 -40.23 5.59 3.76
O5' GTP A 1 -37.90 6.01 2.75
C5' GTP A 1 -36.55 6.46 2.86
C4' GTP A 1 -36.29 7.82 2.20
O4' GTP A 1 -37.23 8.07 1.14
C3' GTP A 1 -36.43 9.00 3.16
O3' GTP A 1 -35.22 9.34 3.86
C2' GTP A 1 -36.90 10.14 2.29
O2' GTP A 1 -35.81 10.83 1.66
C1' GTP A 1 -37.73 9.43 1.26
N9 GTP A 1 -39.17 9.39 1.55
C8 GTP A 1 -39.93 8.31 1.80
N7 GTP A 1 -41.20 8.50 2.04
C5 GTP A 1 -41.29 9.88 1.91
C6 GTP A 1 -42.43 10.73 2.04
O6 GTP A 1 -43.59 10.39 2.27
N1 GTP A 1 -42.12 12.05 1.87
C2 GTP A 1 -40.87 12.53 1.60
N2 GTP A 1 -40.77 13.85 1.46
N3 GTP A 1 -39.79 11.75 1.46
C4 GTP A 1 -40.06 10.45 1.64
PG GTP B 1 29.75 -21.24 34.33
O1G GTP B 1 30.81 -21.05 33.31
O2G GTP B 1 29.16 -22.59 34.53
O3G GTP B 1 30.34 -20.65 35.72
O3B GTP B 1 28.52 -20.23 34.01
PB GTP B 1 27.49 -19.83 35.18
O1B GTP B 1 26.11 -20.01 34.64
O2B GTP B 1 27.89 -18.51 35.74
O3A GTP B 1 27.81 -20.93 36.30
PA GTP B 1 26.63 -21.51 37.20
O1A GTP B 1 25.43 -21.57 36.32
O2A GTP B 1 26.59 -20.66 38.40
O5' GTP B 1 27.11 -23.00 37.49
C5' GTP B 1 26.64 -24.11 36.70
C4' GTP B 1 26.16 -25.31 37.52
O4' GTP B 1 26.87 -25.42 38.78
C3' GTP B 1 24.68 -25.19 37.91
O3' GTP B 1 23.76 -25.79 37.00
C2' GTP B 1 24.59 -25.92 39.22
O2' GTP B 1 24.48 -27.32 38.94
C1' GTP B 1 25.93 -25.61 39.86
N9 GTP B 1 25.91 -24.42 40.73
C8 GTP B 1 26.53 -23.23 40.57
N7 GTP B 1 26.38 -22.34 41.50
C5 GTP B 1 25.52 -23.00 42.38
C6 GTP B 1 24.97 -22.56 43.60
O6 GTP B 1 25.16 -21.48 44.18
N1 GTP B 1 24.15 -23.52 44.17
C2 GTP B 1 23.92 -24.76 43.61
N2 GTP B 1 23.12 -25.58 44.28
N3 GTP B 1 24.45 -25.18 42.48
C4 GTP B 1 25.23 -24.26 41.91
PG GTP C 1 9.22 12.88 21.18
O1G GTP C 1 8.11 12.79 22.17
O2G GTP C 1 10.10 14.08 21.19
O3G GTP C 1 10.15 11.57 21.36
O3B GTP C 1 8.55 12.66 19.73
PB GTP C 1 9.39 12.56 18.36
O1B GTP C 1 8.65 13.32 17.32
O2B GTP C 1 9.76 11.14 18.12
O3A GTP C 1 10.70 13.36 18.77
PA GTP C 1 11.85 13.65 17.72
O1A GTP C 1 11.19 13.93 16.42
O2A GTP C 1 12.84 12.55 17.78
O5' GTP C 1 12.46 15.00 18.32
C5' GTP C 1 12.01 16.30 17.91
C4' GTP C 1 13.18 17.28 17.91
O4' GTP C 1 14.14 16.87 18.90
C3' GTP C 1 13.96 17.23 16.60
O3' GTP C 1 13.42 18.10 15.60
C2' GTP C 1 15.36 17.57 17.00
O2' GTP C 1 15.59 18.97 17.18
C1' GTP C 1 15.47 16.94 18.35
N9 GTP C 1 16.10 15.60 18.43
C8 GTP C 1 15.54 14.45 18.84
N7 GTP C 1 16.30 13.40 18.87
C5 GTP C 1 17.52 13.93 18.43
C6 GTP C 1 18.76 13.29 18.23
O6 GTP C 1 19.04 12.13 18.44
N1 GTP C 1 19.73 14.16 17.77
C2 GTP C 1 19.54 15.50 17.53
N2 GTP C 1 20.57 16.20 17.09
N3 GTP C 1 18.39 16.12 17.73
C4 GTP C 1 17.42 15.28 18.18
PG GTP D 1 -1.83 6.23 -58.08
O1G GTP D 1 -2.46 7.47 -57.52
O2G GTP D 1 -2.31 4.90 -57.61
O3G GTP D 1 -1.93 6.28 -59.70
O3B GTP D 1 -0.25 6.36 -57.78
PB GTP D 1 0.74 5.13 -57.95
O1B GTP D 1 1.01 4.57 -56.58
O2B GTP D 1 1.89 5.57 -58.80
O3A GTP D 1 -0.18 4.14 -58.83
PA GTP D 1 0.05 2.56 -58.82
O1A GTP D 1 0.68 2.23 -57.52
O2A GTP D 1 0.79 2.21 -60.06
O5' GTP D 1 -1.45 1.96 -58.83
C5' GTP D 1 -2.06 1.43 -57.63
C4' GTP D 1 -2.78 0.12 -57.87
O4' GTP D 1 -3.36 0.12 -59.19
C3' GTP D 1 -1.83 -1.08 -57.89
O3' GTP D 1 -1.67 -1.72 -56.63
C2' GTP D 1 -2.44 -2.04 -58.87
O2' GTP D 1 -3.45 -2.84 -58.26
C1' GTP D 1 -3.09 -1.13 -59.87
N9 GTP D 1 -2.31 -0.88 -61.10
C8 GTP D 1 -1.74 0.28 -61.51
N7 GTP D 1 -1.15 0.27 -62.66
C5 GTP D 1 -1.34 -1.06 -63.07
C6 GTP D 1 -0.94 -1.73 -64.24
O6 GTP D 1 -0.32 -1.26 -65.20
N1 GTP D 1 -1.32 -3.05 -64.26
C2 GTP D 1 -2.03 -3.68 -63.26
N2 GTP D 1 -2.33 -4.97 -63.42
N3 GTP D 1 -2.43 -3.07 -62.17
C4 GTP D 1 -2.06 -1.77 -62.12
C4 A1BER E . -24.07 -5.32 16.25
C3 A1BER E . -23.27 -6.60 16.07
C2 A1BER E . -21.90 -6.12 16.62
C1 A1BER E . -21.83 -4.60 16.26
NB1 A1BER E . -22.04 -0.82 12.57
CB2 A1BER E . -22.25 -0.92 13.91
NB3 A1BER E . -23.06 -1.92 14.22
C01 A1BER E . -28.83 -4.64 22.17
C10 A1BER E . -26.12 -0.55 15.59
C11 A1BER E . -24.98 0.09 16.06
C12 A1BER E . -25.00 1.55 16.46
C13 A1BER E . -23.48 1.80 16.76
C14 A1BER E . -22.98 0.39 17.04
C15 A1BER E . -21.71 0.07 17.53
C16 A1BER E . -21.25 -1.30 17.56
C17 A1BER E . -19.89 -1.84 18.11
C18 A1BER E . -19.83 -3.23 17.39
C19 A1BER E . -21.32 -3.61 17.34
C1L A1BER E . -24.67 -2.63 17.94
C20 A1BER E . -21.09 -4.29 14.97
C25 A1BER E . -20.66 -6.87 16.04
C26 A1BER E . -22.15 -6.26 18.13
C27 A1BER E . -22.58 -7.66 18.58
C2L A1BER E . -25.60 -2.65 18.78
C30 A1BER E . -23.34 -7.22 14.67
C31 A1BER E . -23.14 -8.73 14.60
C32 A1BER E . -22.96 -9.21 13.17
C35 A1BER E . -26.21 -6.62 15.90
C36 A1BER E . -28.52 -4.77 14.77
C37 A1BER E . -28.25 -3.56 16.98
C38 A1BER E . -29.71 -3.23 16.98
C3L A1BER E . -26.78 -2.51 19.66
C41 A1BER E . -27.50 -2.64 13.20
C42 A1BER E . -27.03 -1.42 12.44
C43 A1BER E . -26.93 -1.72 10.98
C46 A1BER E . -25.83 1.54 17.77
C47 A1BER E . -25.75 2.40 15.43
C48 A1BER E . -22.60 2.35 15.60
C49 A1BER E . -22.60 3.89 15.41
C4L A1BER E . -27.25 -3.58 20.46
C5 A1BER E . -25.53 -5.27 16.12
C50 A1BER E . -22.67 4.61 16.75
C53 A1BER E . -20.87 1.19 18.13
C54 A1BER E . -20.03 -1.93 19.66
C55 A1BER E . -18.57 -1.09 17.78
C56 A1BER E . -18.54 -0.70 16.30
C57 A1BER E . -17.41 0.30 16.06
C5L A1BER E . -28.35 -3.46 21.29
C6 A1BER E . -26.15 -4.07 15.79
C60 A1BER E . -18.92 -4.30 18.07
C61 A1BER E . -17.78 -4.82 17.20
C6L A1BER E . -29.03 -2.25 21.34
C7 A1BER E . -27.66 -3.79 15.57
C7L A1BER E . -28.63 -1.18 20.58
C8 A1BER E . -27.57 -2.48 14.74
C8L A1BER E . -27.52 -1.31 19.74
C9 A1BER E . -26.25 -1.88 15.21
CB4 A1BER E . -24.20 -3.62 12.74
CB5 A1BER E . -24.37 -3.99 11.39
CB6 A1BER E . -23.73 -3.28 10.36
CB7 A1BER E . -22.91 -2.19 10.63
CB8 A1BER E . -22.75 -1.84 11.98
CB9 A1BER E . -23.38 -2.53 13.01
CR1 A1BER E . -21.18 0.12 11.89
CR2 A1BER E . -19.75 -0.51 11.93
CR3 A1BER E . -18.85 0.69 11.96
CR4 A1BER E . -19.65 1.66 12.82
CR5 A1BER E . -19.53 3.07 12.42
N21 A1BER E . -23.30 -4.27 16.20
N22 A1BER E . -25.44 -2.86 15.65
N23 A1BER E . -23.91 -0.54 16.56
N24 A1BER E . -21.96 -2.30 17.09
N29 A1BER E . -21.81 -8.63 18.20
N34 A1BER E . -23.91 -8.80 12.32
N40 A1BER E . -30.51 -4.04 17.68
N45 A1BER E . -26.19 -0.91 10.27
N52 A1BER E . -21.55 4.72 17.46
N59 A1BER E . -16.25 -0.14 15.64
N63 A1BER E . -17.23 -5.97 17.61
O28 A1BER E . -23.69 -7.88 19.12
O33 A1BER E . -21.87 -9.58 12.72
O39 A1BER E . -30.09 -2.10 16.58
O44 A1BER E . -27.81 -2.42 10.45
O51 A1BER E . -23.76 5.04 17.15
O58 A1BER E . -17.59 1.48 16.27
O62 A1BER E . -17.62 -4.44 16.03
OP2 A1BER E . -17.61 0.45 12.63
OP3 A1BER E . -15.25 0.43 13.04
OP4 A1BER E . -16.08 1.73 11.06
OP5 A1BER E . -16.01 -0.80 11.05
OR6 A1BER E . -21.06 1.31 12.62
OR7 A1BER E . -19.53 -1.24 13.14
OR8 A1BER E . -20.12 3.92 13.39
P1 A1BER E . -16.23 0.47 11.80
CB10 A1BER E . -25.23 -5.17 11.04
CB11 A1BER E . -23.93 -3.74 8.92
CO1 A1BER E . -23.69 -2.44 16.32
CPR1 A1BER E . -15.15 0.77 15.39
CPR2 A1BER E . -15.24 1.48 14.05
CPR3 A1BER E . -14.03 2.36 13.85
N1 N3D F . -3.76 -7.50 31.79
C2 N3D F . -3.92 -7.85 30.36
C3 N3D F . -3.89 -6.59 29.48
C4 N3D F . -4.35 -6.88 28.03
N5 N3D F . -4.28 -5.65 27.24
C6 N3D F . -4.39 -5.91 25.80
C TRS G . -20.07 -5.61 9.48
C1 TRS G . -20.61 -6.65 8.49
C2 TRS G . -19.94 -4.28 8.73
C3 TRS G . -20.72 -5.61 10.82
N TRS G . -18.84 -5.96 9.72
O1 TRS G . -21.88 -7.12 8.87
O2 TRS G . -18.69 -4.17 8.03
O3 TRS G . -20.46 -4.42 11.56
MG MG H . -39.94 4.83 7.21
MG MG I . -37.47 11.27 12.92
MG MG J . -39.18 4.52 16.21
MG MG K . -8.33 -10.17 29.41
MG MG L . -6.63 -7.91 38.16
MG MG M . -12.65 6.53 28.87
MG MG N . -9.94 -0.21 22.39
MG MG O . -38.42 17.32 18.02
MG MG P . -14.56 1.95 26.17
K K Q . -24.57 5.31 19.77
C4 A1BER R . 23.58 -19.60 15.59
C3 A1BER R . 24.48 -19.63 14.38
C2 A1BER R . 23.61 -20.53 13.45
C1 A1BER R . 22.78 -21.48 14.39
NB1 A1BER R . 22.92 -25.18 18.14
CB2 A1BER R . 22.02 -24.26 17.69
NB3 A1BER R . 22.53 -23.05 17.60
C01 A1BER R . 19.25 -13.30 17.14
C10 A1BER R . 20.90 -20.69 19.93
C11 A1BER R . 20.08 -21.61 19.32
C12 A1BER R . 18.80 -22.05 20.00
C13 A1BER R . 18.20 -23.01 18.91
C14 A1BER R . 18.90 -22.51 17.61
C15 A1BER R . 18.71 -23.08 16.35
C16 A1BER R . 19.53 -22.66 15.21
C17 A1BER R . 19.30 -23.00 13.70
C18 A1BER R . 20.76 -22.78 13.17
C19 A1BER R . 21.28 -21.62 14.06
C1L A1BER R . 20.58 -19.47 16.86
C20 A1BER R . 23.40 -22.86 14.54
C25 A1BER R . 24.40 -21.37 12.42
C26 A1BER R . 22.64 -19.49 12.87
C27 A1BER R . 23.33 -18.23 12.40
C2L A1BER R . 20.08 -18.35 17.18
C30 A1BER R . 25.95 -20.02 14.68
C31 A1BER R . 27.00 -19.85 13.57
C32 A1BER R . 28.38 -20.33 14.02
C35 A1BER R . 24.93 -17.70 16.56
C36 A1BER R . 24.77 -17.68 19.73
C37 A1BER R . 22.37 -17.07 19.30
C38 A1BER R . 22.25 -16.34 20.61
C3L A1BER R . 19.47 -17.15 17.74
C41 A1BER R . 24.25 -20.23 20.78
C42 A1BER R . 23.96 -21.55 21.47
C43 A1BER R . 25.24 -22.26 21.79
C46 A1BER R . 17.99 -20.75 20.15
C47 A1BER R . 19.02 -22.58 21.41
C48 A1BER R . 18.51 -24.52 19.04
C49 A1BER R . 17.68 -25.35 20.03
C4L A1BER R . 19.65 -15.84 17.20
C5 A1BER R . 23.82 -18.73 16.74
C50 A1BER R . 16.20 -25.05 19.92
C53 A1BER R . 17.46 -23.89 16.06
C54 A1BER R . 18.25 -21.98 13.14
C55 A1BER R . 18.85 -24.43 13.31
C56 A1BER R . 19.66 -25.46 14.13
C57 A1BER R . 19.06 -26.84 13.97
C5L A1BER R . 19.07 -14.71 17.75
C6 A1BER R . 23.22 -18.99 17.97
C60 A1BER R . 20.90 -22.54 11.65
C61 A1BER R . 21.76 -23.54 10.88
C6L A1BER R . 18.26 -14.85 18.88
C7 A1BER R . 23.40 -18.23 19.32
C7L A1BER R . 18.05 -16.08 19.45
C8 A1BER R . 23.05 -19.37 20.33
C8L A1BER R . 18.65 -17.21 18.89
C9 A1BER R . 22.13 -20.26 19.48
CB4 A1BER R . 24.89 -22.23 18.08
CB5 A1BER R . 26.15 -22.66 18.56
CB6 A1BER R . 26.37 -24.01 18.91
CB7 A1BER R . 25.35 -24.95 18.80
CB8 A1BER R . 24.10 -24.50 18.35
CB9 A1BER R . 23.87 -23.18 17.99
CR1 A1BER R . 22.65 -26.59 18.32
CR2 A1BER R . 22.90 -27.28 16.95
CR3 A1BER R . 21.95 -28.44 16.98
CR4 A1BER R . 20.75 -27.85 17.70
CR5 A1BER R . 20.00 -28.78 18.58
N21 A1BER R . 22.83 -20.67 15.65
N22 A1BER R . 22.49 -20.17 18.19
N23 A1BER R . 20.02 -21.76 17.99
N24 A1BER R . 20.58 -21.89 15.36
N29 A1BER R . 24.10 -18.38 11.35
N34 A1BER R . 28.97 -21.31 13.29
N40 A1BER R . 22.32 -15.00 20.56
N45 A1BER R . 25.11 -23.56 21.97
N52 A1BER R . 15.58 -25.32 18.77
N59 A1BER R . 19.54 -27.66 13.05
N63 A1BER R . 22.27 -23.06 9.74
O28 A1BER R . 22.98 -17.09 12.77
O33 A1BER R . 28.81 -20.02 15.12
O39 A1BER R . 21.68 -16.92 21.57
O44 A1BER R . 26.10 -21.64 22.43
O51 A1BER R . 15.75 -24.22 20.73
O58 A1BER R . 18.13 -27.21 14.67
O62 A1BER R . 22.35 -24.49 11.47
OP2 A1BER R . 21.54 -28.74 15.64
OP3 A1BER R . 20.94 -30.08 13.72
OP4 A1BER R . 21.46 -31.28 15.86
OP5 A1BER R . 23.29 -30.24 14.46
OR6 A1BER R . 21.28 -26.81 18.57
OR7 A1BER R . 22.47 -26.49 15.83
OR8 A1BER R . 18.85 -28.17 19.14
P1 A1BER R . 21.91 -30.19 14.98
CB10 A1BER R . 27.30 -21.69 18.70
CB11 A1BER R . 27.77 -24.42 19.41
CO1 A1BER R . 21.49 -21.15 16.87
CPR1 A1BER R . 18.95 -28.97 12.89
CPR2 A1BER R . 19.49 -30.00 13.89
CPR3 A1BER R . 18.93 -31.38 13.57
N1 N3D S . 11.49 -23.73 -6.76
C2 N3D S . 12.75 -24.17 -6.15
C3 N3D S . 12.55 -25.25 -5.06
C4 N3D S . 13.90 -25.71 -4.41
N5 N3D S . 13.63 -26.83 -3.53
C6 N3D S . 14.83 -27.37 -2.85
C TRS T . 28.11 -25.75 15.19
C1 TRS T . 29.57 -25.45 15.60
C2 TRS T . 27.52 -26.71 16.22
C3 TRS T . 27.28 -24.56 14.81
N TRS T . 28.18 -26.44 14.10
O1 TRS T . 29.69 -24.14 16.13
O2 TRS T . 28.20 -27.97 16.20
O3 TRS T . 25.97 -24.64 15.38
MG MG U . 25.09 -18.73 36.24
MG MG V . 16.12 -20.21 35.92
MG MG W . 18.52 -14.01 31.99
MG MG X . 15.50 -20.66 -3.92
MG MG Y . 7.51 -17.98 -7.46
MG MG Z . 5.14 -25.82 8.77
MG MG AA . 14.02 -28.10 5.67
MG MG BA . 8.48 -19.65 37.77
MG MG CA . 10.41 -24.05 8.73
K K DA . 13.78 -22.37 20.44
C4 A1BER EA . -7.01 17.09 7.96
C3 A1BER EA . -8.44 17.36 8.38
C2 A1BER EA . -8.84 18.36 7.24
C1 A1BER EA . -7.52 19.11 6.87
NB1 A1BER EA . -3.31 21.86 8.69
CB2 A1BER EA . -3.64 21.12 7.60
NB3 A1BER EA . -4.18 19.95 7.93
C01 A1BER EA . -5.51 10.80 3.89
C10 A1BER EA . -1.80 17.37 6.98
C11 A1BER EA . -1.97 18.23 5.89
C12 A1BER EA . -0.83 18.63 4.96
C13 A1BER EA . -1.45 19.88 4.23
C14 A1BER EA . -2.95 19.68 4.50
C15 A1BER EA . -3.96 20.38 3.84
C16 A1BER EA . -5.33 20.34 4.33
C17 A1BER EA . -6.56 21.01 3.69
C18 A1BER EA . -7.61 20.83 4.84
C19 A1BER EA . -7.25 19.44 5.37
C1L A1BER EA . -4.90 16.80 5.26
C20 A1BER EA . -7.17 20.35 7.71
C25 A1BER EA . -10.00 19.32 7.62
C26 A1BER EA . -9.15 17.41 6.05
C27 A1BER EA . -10.15 16.32 6.35
C2L A1BER EA . -4.64 15.69 4.77
C30 A1BER EA . -8.56 17.82 9.85
C31 A1BER EA . -9.93 17.49 10.48
C32 A1BER EA . -9.99 17.96 11.94
C35 A1BER EA . -6.94 14.68 8.86
C36 A1BER EA . -4.07 14.00 9.93
C37 A1BER EA . -3.73 13.84 7.48
C38 A1BER EA . -2.65 12.79 7.68
C3L A1BER EA . -4.16 14.41 4.24
C41 A1BER EA . -2.38 16.57 10.03
C42 A1BER EA . -1.20 17.52 10.19
C43 A1BER EA . -1.13 18.13 11.58
C46 A1BER EA . -0.76 17.50 3.89
C47 A1BER EA . 0.57 18.69 5.62
C48 A1BER EA . -1.12 21.32 4.75
C49 A1BER EA . 0.22 21.99 4.40
C4L A1BER EA . -4.98 13.25 4.30
C5 A1BER EA . -6.20 15.98 8.51
C50 A1BER EA . 0.51 21.82 2.91
C53 A1BER EA . -3.58 21.21 2.63
C54 A1BER EA . -6.98 20.12 2.47
C55 A1BER EA . -6.45 22.50 3.24
C56 A1BER EA . -5.80 23.29 4.34
C57 A1BER EA . -5.51 24.73 3.95
C5L A1BER EA . -4.57 12.02 3.81
C6 A1BER EA . -4.84 15.94 8.27
C60 A1BER EA . -9.10 20.97 4.33
C61 A1BER EA . -9.93 21.96 5.13
C6L A1BER EA . -3.30 11.92 3.23
C7 A1BER EA . -3.83 14.83 8.67
C7L A1BER EA . -2.46 13.00 3.16
C8 A1BER EA . -2.53 15.69 8.76
C8L A1BER EA . -2.87 14.23 3.67
C9 A1BER EA . -2.80 16.69 7.65
CB4 A1BER EA . -4.67 18.97 10.23
CB5 A1BER EA . -4.54 19.21 11.61
CB6 A1BER EA . -3.98 20.43 12.09
CB7 A1BER EA . -3.52 21.40 11.18
CB8 A1BER EA . -3.66 21.12 9.80
CB9 A1BER EA . -4.22 19.94 9.33
CR1 A1BER EA . -2.72 23.17 8.69
CR2 A1BER EA . -3.87 24.20 8.64
CR3 A1BER EA . -3.36 25.32 7.77
CR4 A1BER EA . -2.40 24.61 6.84
CR5 A1BER EA . -1.12 25.33 6.57
N21 A1BER EA . -6.55 18.02 7.16
N22 A1BER EA . -4.13 17.00 7.64
N23 A1BER EA . -3.17 18.71 5.48
N24 A1BER EA . -5.75 19.43 5.19
N29 A1BER EA . -11.30 16.74 6.84
N34 A1BER EA . -9.03 17.46 12.76
N40 A1BER EA . -3.10 11.55 7.45
N45 A1BER EA . -0.56 19.31 11.69
N52 A1BER EA . 1.10 20.71 2.57
N59 A1BER EA . -6.38 25.68 4.26
N63 A1BER EA . -11.27 21.91 4.92
O28 A1BER EA . -10.07 15.23 5.74
O33 A1BER EA . -10.93 18.64 12.35
O39 A1BER EA . -1.41 13.06 7.63
O44 A1BER EA . -1.06 17.39 12.58
O51 A1BER EA . 0.00 22.58 2.06
O58 A1BER EA . -4.45 25.00 3.36
O62 A1BER EA . -9.44 22.72 5.99
OP2 A1BER EA . -4.41 25.91 6.99
OP3 A1BER EA . -5.73 27.81 6.11
OP4 A1BER EA . -3.73 28.25 7.52
OP5 A1BER EA . -5.94 27.34 8.49
OR6 A1BER EA . -2.02 23.36 7.49
OR7 A1BER EA . -4.95 23.62 7.96
OR8 A1BER EA . -0.81 25.15 5.19
P1 A1BER EA . -4.93 27.40 7.39
CB10 A1BER EA . -5.04 18.17 12.59
CB11 A1BER EA . -3.86 20.69 13.57
CO1 A1BER EA . -4.83 18.32 6.43
CPR1 A1BER EA . -6.08 27.04 3.89
CPR2 A1BER EA . -5.11 27.80 4.80
CPR3 A1BER EA . -4.97 29.25 4.37
N1 N3D FA . -22.74 26.84 -10.17
C2 N3D FA . -22.49 26.88 -8.71
C3 N3D FA . -21.16 27.62 -8.40
C4 N3D FA . -21.00 27.96 -6.89
N5 N3D FA . -19.89 28.89 -6.65
C6 N3D FA . -19.45 28.92 -5.23
C TRS GA . -7.55 23.04 12.46
C1 TRS GA . -7.56 22.57 13.92
C2 TRS GA . -6.37 23.99 12.22
C3 TRS GA . -7.69 21.89 11.52
N TRS GA . -8.62 23.76 12.29
O1 TRS GA . -7.97 21.23 13.86
O2 TRS GA . -5.54 24.06 13.39
O3 TRS GA . -6.92 22.17 10.37
MG MG HA . 10.91 10.77 15.52
MG MG IA . 14.06 13.56 7.10
MG MG JA . 8.77 8.18 7.16
MG MG KA . -22.09 22.72 -5.77
MG MG LA . -23.16 21.47 -14.88
MG MG MA . -5.90 25.79 -10.80
MG MG NA . -11.48 28.34 -3.22
MG MG OA . 18.23 13.70 0.46
MG MG PA . -7.97 25.40 -6.63
K K QA . 1.12 19.13 0.32
C4 A1BER RA . 6.83 8.35 -39.24
C3 A1BER RA . 6.49 9.42 -38.21
C2 A1BER RA . 6.66 8.57 -36.91
C1 A1BER RA . 6.23 7.12 -37.32
NB1 A1BER RA . 2.59 3.97 -39.55
CB2 A1BER RA . 3.94 3.95 -39.29
NB3 A1BER RA . 4.56 5.03 -39.71
C01 A1BER RA . 14.09 7.85 -42.00
C10 A1BER RA . 6.77 4.15 -42.46
C11 A1BER RA . 6.99 3.25 -41.40
C12 A1BER RA . 7.25 1.75 -41.62
C13 A1BER RA . 6.93 1.18 -40.20
C14 A1BER RA . 7.09 2.44 -39.31
C15 A1BER RA . 7.25 2.42 -37.94
C16 A1BER RA . 7.09 3.64 -37.17
C17 A1BER RA . 7.22 3.83 -35.64
C18 A1BER RA . 6.58 5.24 -35.46
C19 A1BER RA . 7.06 5.95 -36.72
C1L A1BER RA . 8.70 5.56 -39.89
C20 A1BER RA . 4.73 6.80 -37.20
C25 A1BER RA . 5.86 9.11 -35.69
C26 A1BER RA . 8.20 8.57 -36.71
C27 A1BER RA . 8.77 9.97 -36.59
C2L A1BER RA . 9.80 5.64 -40.47
C30 A1BER RA . 5.11 10.08 -38.48
C31 A1BER RA . 4.99 11.54 -38.03
C32 A1BER RA . 3.63 12.16 -38.35
C35 A1BER RA . 7.77 9.98 -40.94
C36 A1BER RA . 7.19 8.94 -43.89
C37 A1BER RA . 9.06 7.44 -43.20
C38 A1BER RA . 9.55 7.21 -44.61
C3L A1BER RA . 11.01 5.61 -41.27
C41 A1BER RA . 5.18 6.65 -43.79
C42 A1BER RA . 4.27 5.45 -44.10
C43 A1BER RA . 2.86 5.87 -44.46
C46 A1BER RA . 8.78 1.64 -41.87
C47 A1BER RA . 6.56 1.13 -42.86
C48 A1BER RA . 5.50 0.61 -39.96
C49 A1BER RA . 5.23 -0.84 -40.44
C4L A1BER RA . 11.93 6.69 -41.25
C5 A1BER RA . 7.08 8.65 -40.66
C50 A1BER RA . 6.40 -1.71 -40.02
C53 A1BER RA . 7.40 1.07 -37.26
C54 A1BER RA . 8.75 3.86 -35.31
C55 A1BER RA . 6.50 2.80 -34.72
C56 A1BER RA . 5.06 2.63 -35.21
C57 A1BER RA . 4.38 1.49 -34.46
C5L A1BER RA . 13.08 6.67 -42.03
C6 A1BER RA . 7.17 7.60 -41.58
C60 A1BER RA . 7.01 5.95 -34.12
C61 A1BER RA . 5.85 6.43 -33.25
C6L A1BER RA . 13.34 5.55 -42.82
C7 A1BER RA . 7.52 7.67 -43.10
C7L A1BER RA . 12.47 4.47 -42.88
C8 A1BER RA . 6.69 6.45 -43.60
C8L A1BER RA . 11.31 4.51 -42.11
C9 A1BER RA . 6.79 5.53 -42.40
CB4 A1BER RA . 3.63 7.10 -40.87
CB5 A1BER RA . 2.45 7.67 -41.40
CB6 A1BER RA . 1.21 6.99 -41.32
CB7 A1BER RA . 1.15 5.73 -40.71
CB8 A1BER RA . 2.34 5.19 -40.19
CB9 A1BER RA . 3.56 5.85 -40.27
CR1 A1BER RA . 1.62 2.95 -39.22
CR2 A1BER RA . 1.15 3.18 -37.77
CR3 A1BER RA . 1.06 1.78 -37.21
CR4 A1BER RA . 2.31 1.17 -37.84
CR5 A1BER RA . 2.39 -0.32 -37.95
N21 A1BER RA . 6.66 7.15 -38.74
N22 A1BER RA . 6.77 6.28 -41.27
N23 A1BER RA . 6.98 3.59 -40.10
N24 A1BER RA . 7.08 4.85 -37.73
N29 A1BER RA . 9.82 10.23 -37.34
N34 A1BER RA . 3.06 12.80 -37.31
N40 A1BER RA . 10.33 8.15 -45.12
N45 A1BER RA . 1.87 5.01 -44.33
N52 A1BER RA . 7.34 -1.94 -40.92
N59 A1BER RA . 3.59 1.80 -33.44
N63 A1BER RA . 6.18 7.27 -32.24
O28 A1BER RA . 8.26 10.82 -35.84
O33 A1BER RA . 3.19 12.23 -39.50
O39 A1BER RA . 9.14 6.23 -45.32
O44 A1BER RA . 2.69 6.84 -45.21
O51 A1BER RA . 6.50 -2.11 -38.85
O58 A1BER RA . 4.58 0.32 -34.79
O62 A1BER RA . 4.65 6.24 -33.59
OP2 A1BER RA . 1.26 1.80 -35.80
OP3 A1BER RA . 0.80 1.30 -33.46
OP4 A1BER RA . -0.80 0.47 -35.27
OP5 A1BER RA . -0.65 2.93 -34.49
OR6 A1BER RA . 2.29 1.73 -39.17
OR7 A1BER RA . 2.17 3.86 -37.07
OR8 A1BER RA . 1.19 -0.81 -38.55
P1 A1BER RA . -0.01 1.62 -34.79
CB10 A1BER RA . 2.48 9.04 -42.06
CB11 A1BER RA . -0.03 7.65 -41.87
CO1 A1BER RA . 6.82 5.45 -39.52
CPR1 A1BER RA . 2.94 0.70 -32.73
CPR2 A1BER RA . 1.68 0.16 -33.39
CPR3 A1BER RA . 0.92 -0.81 -32.53
N1 N3D SA . 15.11 4.34 -15.11
C2 N3D SA . 13.95 4.96 -15.81
C3 N3D SA . 12.98 3.86 -16.28
C4 N3D SA . 11.74 4.42 -17.00
N5 N3D SA . 10.92 3.33 -17.55
C6 N3D SA . 9.67 3.81 -18.20
C TRS TA . -0.44 8.24 -37.49
C1 TRS TA . -1.13 9.41 -38.20
C2 TRS TA . -1.22 6.93 -37.70
C3 TRS TA . 1.01 8.23 -37.79
N TRS TA . -0.56 8.53 -36.22
O1 TRS TA . -0.14 10.42 -38.27
O2 TRS TA . -2.64 7.09 -37.66
O3 TRS TA . 1.72 7.44 -36.87
MG MG UA . 3.66 3.41 -58.57
MG MG VA . 7.46 -4.80 -56.04
MG MG WA . 11.68 1.42 -55.29
MG MG XA . 14.64 8.33 -19.55
MG MG YA . 22.27 4.60 -15.85
MG MG ZA . 13.88 -8.43 -26.45
MG MG AB . 7.72 -0.21 -25.23
MG MG BB . 11.65 -11.35 -56.33
MG MG CB . 12.53 -2.24 -28.84
K K DB . 10.06 -2.44 -40.86
#